data_2ILV
#
_entry.id   2ILV
#
_cell.length_a   61.912
_cell.length_b   63.627
_cell.length_c   63.782
_cell.angle_alpha   90.00
_cell.angle_beta   98.36
_cell.angle_gamma   90.00
#
_symmetry.space_group_name_H-M   'P 1 21 1'
#
loop_
_entity.id
_entity.type
_entity.pdbx_description
1 polymer Alpha-2,3/2,6-sialyltransferase/sialidase
2 branched beta-D-galactopyranose-(1-4)-alpha-D-glucopyranose
3 non-polymer "CYTIDINE-5'-MONOPHOSPHATE"
4 water water
#
_entity_poly.entity_id   1
_entity_poly.type   'polypeptide(L)'
_entity_poly.pdbx_seq_one_letter_code
;MMKTITLYLDPASLPALNQLMDFTQNNEDKTHPRIFGLSRFKIPDNIITQYQNIHFVELKDNRPTEALFTILDQYPGNIE
LNIHLNIAHSVQLIRPILAYRFKHLDRVSIQQLNLYDDGSMEYVDLEKEENKDISAEIKQAEKQLSHYLLTGKIKFDNPT
IARYVWQSAFPVKYHFLSTDYFEKAEFLQPLKEYLAENYQKMDWTAYQQLTPEQQAFYLTLVGFNDEVKQSLEVQQAKFI
FTGTTTWEGNTDVREYYAQQQLNLLNHFTQAEGDLFIGDHYKIYFKGHPRGGEINDYILNNAKNITNIPANISFEVLMMT
GLLPDKVGGVASSLYFSLPKEKISHIIFTSNKQVKSKEDALNNPYVKVMRRLGIIDESQVIFWDSLKQLGGGLEHHHHHH
;
_entity_poly.pdbx_strand_id   A
#
loop_
_chem_comp.id
_chem_comp.type
_chem_comp.name
_chem_comp.formula
C5P non-polymer CYTIDINE-5'-MONOPHOSPHATE 'C9 H14 N3 O8 P'
GAL D-saccharide, beta linking beta-D-galactopyranose 'C6 H12 O6'
GLC D-saccharide, alpha linking alpha-D-glucopyranose 'C6 H12 O6'
#
# COMPACT_ATOMS: atom_id res chain seq x y z
N MET A 2 18.79 4.04 -25.93
CA MET A 2 19.85 4.18 -24.89
C MET A 2 19.61 3.13 -23.81
N LYS A 3 19.83 3.47 -22.55
CA LYS A 3 19.61 2.52 -21.46
C LYS A 3 18.35 2.91 -20.65
N THR A 4 17.41 1.98 -20.52
CA THR A 4 16.30 2.13 -19.55
C THR A 4 16.67 1.51 -18.21
N ILE A 5 16.47 2.31 -17.14
CA ILE A 5 16.67 1.88 -15.76
C ILE A 5 15.31 1.90 -15.02
N THR A 6 14.96 0.75 -14.44
CA THR A 6 13.71 0.58 -13.69
C THR A 6 13.94 0.71 -12.17
N LEU A 7 13.20 1.64 -11.58
CA LEU A 7 13.27 1.91 -10.15
C LEU A 7 11.96 1.55 -9.53
N TYR A 8 12.06 0.73 -8.49
CA TYR A 8 10.91 0.29 -7.75
C TYR A 8 10.97 0.93 -6.38
N LEU A 9 10.10 1.88 -6.10
CA LEU A 9 10.19 2.60 -4.82
C LEU A 9 8.90 2.66 -4.01
N ASP A 10 9.03 2.29 -2.75
CA ASP A 10 7.91 2.27 -1.83
C ASP A 10 8.41 2.02 -0.41
N PRO A 11 8.09 2.97 0.51
CA PRO A 11 8.31 2.72 1.94
C PRO A 11 7.21 1.89 2.63
N ALA A 12 6.07 1.73 1.96
CA ALA A 12 4.92 1.02 2.51
C ALA A 12 4.74 -0.36 1.90
N SER A 13 3.50 -0.81 1.68
CA SER A 13 3.23 -2.24 1.40
C SER A 13 2.55 -2.45 0.09
N LEU A 14 1.40 -1.80 -0.05
CA LEU A 14 0.53 -1.94 -1.22
C LEU A 14 1.17 -1.63 -2.56
N PRO A 15 1.89 -0.47 -2.68
CA PRO A 15 2.67 -0.23 -3.92
C PRO A 15 3.78 -1.28 -4.17
N ALA A 16 4.52 -1.68 -3.14
CA ALA A 16 5.60 -2.68 -3.32
C ALA A 16 5.05 -4.00 -3.84
N LEU A 17 3.87 -4.37 -3.36
CA LEU A 17 3.15 -5.57 -3.81
C LEU A 17 2.80 -5.53 -5.29
N ASN A 18 2.28 -4.39 -5.79
CA ASN A 18 2.03 -4.24 -7.23
C ASN A 18 3.33 -4.21 -8.04
N GLN A 19 4.35 -3.59 -7.48
CA GLN A 19 5.64 -3.45 -8.18
C GLN A 19 6.39 -4.81 -8.32
N LEU A 20 6.31 -5.65 -7.28
CA LEU A 20 6.87 -7.01 -7.33
C LEU A 20 6.15 -7.94 -8.35
N MET A 21 4.89 -7.63 -8.63
CA MET A 21 4.13 -8.26 -9.70
C MET A 21 4.68 -7.77 -11.05
N ASP A 22 4.97 -6.48 -11.13
CA ASP A 22 5.65 -5.91 -12.31
C ASP A 22 7.00 -6.67 -12.56
N PHE A 23 7.83 -6.79 -11.52
CA PHE A 23 9.07 -7.55 -11.58
C PHE A 23 8.88 -9.00 -12.03
N THR A 24 7.89 -9.68 -11.47
CA THR A 24 7.56 -11.05 -11.88
C THR A 24 7.22 -11.15 -13.40
N GLN A 25 6.27 -10.34 -13.87
CA GLN A 25 5.86 -10.37 -15.27
C GLN A 25 7.04 -10.07 -16.21
N ASN A 26 8.01 -9.30 -15.71
CA ASN A 26 9.22 -8.92 -16.46
C ASN A 26 10.50 -9.65 -16.01
N ASN A 27 10.36 -10.85 -15.46
CA ASN A 27 11.52 -11.56 -14.88
C ASN A 27 12.27 -12.54 -15.81
N GLU A 28 11.81 -12.68 -17.05
CA GLU A 28 12.55 -13.45 -18.06
C GLU A 28 13.87 -12.73 -18.39
N ASP A 29 13.83 -11.41 -18.30
CA ASP A 29 14.98 -10.57 -18.56
C ASP A 29 15.87 -10.52 -17.34
N LYS A 30 17.03 -11.14 -17.45
CA LYS A 30 17.99 -11.24 -16.35
C LYS A 30 18.98 -10.06 -16.24
N THR A 31 18.96 -9.16 -17.22
CA THR A 31 20.01 -8.13 -17.31
C THR A 31 19.48 -6.70 -17.29
N HIS A 32 18.18 -6.53 -17.40
CA HIS A 32 17.60 -5.20 -17.37
C HIS A 32 17.95 -4.56 -16.04
N PRO A 33 18.53 -3.34 -16.04
CA PRO A 33 18.87 -2.67 -14.75
C PRO A 33 17.72 -2.30 -13.81
N ARG A 34 17.80 -2.79 -12.57
CA ARG A 34 16.72 -2.62 -11.59
C ARG A 34 17.20 -2.16 -10.22
N ILE A 35 16.50 -1.14 -9.71
CA ILE A 35 16.80 -0.61 -8.36
C ILE A 35 15.59 -0.79 -7.44
N PHE A 36 15.81 -1.54 -6.38
CA PHE A 36 14.74 -1.86 -5.46
C PHE A 36 14.89 -1.04 -4.17
N GLY A 37 13.94 -0.14 -3.94
CA GLY A 37 13.85 0.63 -2.70
C GLY A 37 12.51 0.28 -2.07
N LEU A 38 12.38 -0.96 -1.62
CA LEU A 38 11.16 -1.44 -1.00
C LEU A 38 11.50 -1.69 0.46
N SER A 39 11.13 -0.74 1.33
CA SER A 39 11.47 -0.81 2.75
C SER A 39 10.96 -2.09 3.40
N ARG A 40 9.78 -2.52 3.00
CA ARG A 40 9.14 -3.65 3.66
C ARG A 40 9.39 -5.02 2.97
N PHE A 41 10.28 -5.07 1.98
CA PHE A 41 10.50 -6.30 1.18
C PHE A 41 11.98 -6.69 0.94
N LYS A 42 12.33 -7.90 1.38
CA LYS A 42 13.67 -8.47 1.21
C LYS A 42 13.69 -9.46 0.01
N ILE A 43 14.25 -9.04 -1.14
CA ILE A 43 14.48 -9.97 -2.25
C ILE A 43 15.40 -11.10 -1.78
N PRO A 44 14.93 -12.37 -1.89
CA PRO A 44 15.68 -13.56 -1.49
C PRO A 44 17.00 -13.66 -2.28
N ASP A 45 18.09 -13.95 -1.58
CA ASP A 45 19.42 -14.00 -2.17
C ASP A 45 19.56 -14.98 -3.34
N ASN A 46 18.91 -16.14 -3.22
CA ASN A 46 18.80 -17.10 -4.31
C ASN A 46 18.20 -16.52 -5.59
N ILE A 47 17.24 -15.59 -5.44
CA ILE A 47 16.67 -14.82 -6.57
C ILE A 47 17.58 -13.68 -7.05
N ILE A 48 18.18 -12.94 -6.12
CA ILE A 48 19.15 -11.89 -6.44
C ILE A 48 20.29 -12.38 -7.33
N THR A 49 20.86 -13.55 -7.01
CA THR A 49 21.97 -14.15 -7.79
C THR A 49 21.59 -14.53 -9.23
N GLN A 50 20.30 -14.69 -9.53
CA GLN A 50 19.83 -14.99 -10.90
C GLN A 50 19.92 -13.78 -11.83
N TYR A 51 20.10 -12.60 -11.24
CA TYR A 51 20.02 -11.35 -11.98
C TYR A 51 21.32 -10.57 -11.92
N GLN A 52 21.50 -9.68 -12.88
CA GLN A 52 22.55 -8.70 -12.82
C GLN A 52 21.98 -7.32 -13.08
N ASN A 53 22.79 -6.30 -12.83
CA ASN A 53 22.33 -4.94 -12.91
C ASN A 53 21.16 -4.76 -11.94
N ILE A 54 21.23 -5.46 -10.81
CA ILE A 54 20.19 -5.45 -9.75
C ILE A 54 20.71 -4.71 -8.50
N HIS A 55 19.95 -3.72 -8.05
CA HIS A 55 20.41 -2.86 -6.96
C HIS A 55 19.38 -2.62 -5.85
N PHE A 56 19.90 -2.18 -4.71
CA PHE A 56 19.11 -1.92 -3.53
C PHE A 56 19.54 -0.62 -2.92
N VAL A 57 18.53 0.17 -2.56
CA VAL A 57 18.75 1.46 -1.95
C VAL A 57 17.80 1.59 -0.76
N GLU A 58 18.28 2.14 0.34
CA GLU A 58 17.43 2.38 1.48
C GLU A 58 16.60 3.64 1.26
N LEU A 59 15.44 3.70 1.90
CA LEU A 59 14.64 4.91 1.92
C LEU A 59 14.74 5.47 3.32
N LYS A 60 14.85 6.79 3.40
CA LYS A 60 14.78 7.45 4.69
C LYS A 60 13.98 8.72 4.52
N ASP A 61 13.10 8.99 5.49
CA ASP A 61 12.18 10.12 5.39
C ASP A 61 11.40 10.10 4.06
N ASN A 62 10.96 8.89 3.67
CA ASN A 62 10.13 8.65 2.47
C ASN A 62 10.79 8.92 1.12
N ARG A 63 12.09 8.67 1.02
CA ARG A 63 12.86 8.98 -0.17
C ARG A 63 14.18 8.19 -0.17
N PRO A 64 14.62 7.77 -1.38
CA PRO A 64 15.90 7.07 -1.49
C PRO A 64 17.03 7.95 -0.97
N THR A 65 17.99 7.35 -0.27
CA THR A 65 19.13 8.11 0.26
C THR A 65 20.06 8.43 -0.90
N GLU A 66 21.12 9.19 -0.58
CA GLU A 66 22.20 9.60 -1.49
C GLU A 66 22.90 8.42 -2.16
N ALA A 67 22.96 7.29 -1.47
CA ALA A 67 23.41 6.02 -2.06
C ALA A 67 22.79 5.70 -3.44
N LEU A 68 21.67 6.36 -3.79
CA LEU A 68 21.07 6.20 -5.13
C LEU A 68 22.02 6.68 -6.20
N PHE A 69 22.81 7.72 -5.85
CA PHE A 69 23.71 8.39 -6.79
C PHE A 69 24.88 7.53 -7.18
N THR A 70 25.42 6.79 -6.20
CA THR A 70 26.51 5.83 -6.42
C THR A 70 26.09 4.77 -7.46
N ILE A 71 24.86 4.28 -7.35
CA ILE A 71 24.32 3.29 -8.27
C ILE A 71 24.15 3.88 -9.67
N LEU A 72 23.52 5.06 -9.77
CA LEU A 72 23.26 5.63 -11.09
C LEU A 72 24.57 6.02 -11.80
N ASP A 73 25.57 6.45 -11.03
CA ASP A 73 26.91 6.74 -11.55
C ASP A 73 27.51 5.56 -12.33
N GLN A 74 26.95 4.37 -12.11
CA GLN A 74 27.47 3.17 -12.77
C GLN A 74 27.02 3.03 -14.22
N TYR A 75 26.01 3.80 -14.61
CA TYR A 75 25.52 3.84 -15.99
C TYR A 75 25.84 5.19 -16.63
N PRO A 76 27.07 5.33 -17.17
CA PRO A 76 27.61 6.60 -17.64
C PRO A 76 27.05 7.07 -18.98
N GLY A 77 26.19 6.28 -19.61
CA GLY A 77 25.56 6.68 -20.86
C GLY A 77 24.23 7.35 -20.62
N ASN A 78 23.55 7.70 -21.71
CA ASN A 78 22.20 8.23 -21.58
C ASN A 78 21.30 7.20 -20.93
N ILE A 79 20.70 7.58 -19.81
CA ILE A 79 19.76 6.69 -19.14
C ILE A 79 18.35 7.29 -19.14
N GLU A 80 17.35 6.44 -19.35
CA GLU A 80 15.97 6.86 -19.21
C GLU A 80 15.43 6.11 -18.02
N LEU A 81 14.85 6.81 -17.06
CA LEU A 81 14.39 6.21 -15.81
C LEU A 81 12.93 5.83 -15.88
N ASN A 82 12.67 4.54 -15.64
CA ASN A 82 11.31 4.01 -15.57
C ASN A 82 10.95 3.89 -14.09
N ILE A 83 10.09 4.81 -13.61
CA ILE A 83 9.87 4.94 -12.14
C ILE A 83 8.52 4.46 -11.62
N HIS A 84 8.57 3.56 -10.64
CA HIS A 84 7.39 3.07 -9.94
C HIS A 84 7.30 3.64 -8.53
N LEU A 85 6.22 4.34 -8.21
CA LEU A 85 6.08 5.07 -6.94
C LEU A 85 4.80 4.87 -6.15
N ASN A 86 4.95 5.00 -4.84
CA ASN A 86 3.88 5.33 -3.92
C ASN A 86 3.25 6.71 -4.24
N ILE A 87 1.96 6.72 -4.50
CA ILE A 87 1.26 8.00 -4.81
C ILE A 87 1.35 9.04 -3.68
N ALA A 88 1.01 8.64 -2.45
CA ALA A 88 1.00 9.58 -1.35
C ALA A 88 2.37 10.22 -1.15
N HIS A 89 3.45 9.44 -1.35
CA HIS A 89 4.83 9.91 -1.16
C HIS A 89 5.59 10.26 -2.45
N SER A 90 4.90 10.29 -3.59
CA SER A 90 5.54 10.54 -4.90
C SER A 90 6.49 11.74 -4.98
N VAL A 91 6.15 12.82 -4.29
CA VAL A 91 6.96 14.05 -4.36
C VAL A 91 8.30 13.86 -3.67
N GLN A 92 8.27 13.27 -2.48
CA GLN A 92 9.51 12.98 -1.77
C GLN A 92 10.34 11.91 -2.47
N LEU A 93 9.70 10.81 -2.85
CA LEU A 93 10.38 9.71 -3.53
C LEU A 93 11.16 10.09 -4.81
N ILE A 94 10.56 10.96 -5.62
CA ILE A 94 11.19 11.48 -6.83
C ILE A 94 12.19 12.63 -6.55
N ARG A 95 12.17 13.15 -5.32
CA ARG A 95 13.04 14.28 -4.97
C ARG A 95 14.51 14.08 -5.35
N PRO A 96 15.19 13.01 -4.83
CA PRO A 96 16.61 12.78 -5.10
C PRO A 96 16.94 12.38 -6.54
N ILE A 97 15.97 11.75 -7.22
CA ILE A 97 16.06 11.44 -8.65
C ILE A 97 16.19 12.75 -9.48
N LEU A 98 15.33 13.71 -9.17
CA LEU A 98 15.34 15.04 -9.79
C LEU A 98 16.62 15.82 -9.44
N ALA A 99 17.17 15.55 -8.27
CA ALA A 99 18.44 16.19 -7.88
C ALA A 99 19.64 15.58 -8.62
N TYR A 100 19.54 14.29 -8.92
CA TYR A 100 20.51 13.59 -9.76
C TYR A 100 20.40 14.05 -11.22
N ARG A 101 19.17 14.08 -11.73
CA ARG A 101 18.87 14.64 -13.05
C ARG A 101 19.43 16.06 -13.24
N PHE A 102 19.26 16.93 -12.25
CA PHE A 102 19.82 18.30 -12.26
C PHE A 102 21.31 18.37 -12.54
N LYS A 103 22.06 17.41 -11.99
CA LYS A 103 23.51 17.38 -12.15
C LYS A 103 23.91 16.77 -13.51
N HIS A 104 23.03 15.92 -14.05
CA HIS A 104 23.28 15.16 -15.29
C HIS A 104 22.17 15.36 -16.33
N LEU A 105 21.78 16.62 -16.53
CA LEU A 105 20.71 16.99 -17.47
C LEU A 105 20.89 16.44 -18.88
N ASP A 106 22.12 16.51 -19.41
CA ASP A 106 22.46 16.05 -20.77
C ASP A 106 22.16 14.56 -21.04
N ARG A 107 22.32 13.72 -20.01
CA ARG A 107 22.19 12.28 -20.17
C ARG A 107 21.07 11.60 -19.37
N VAL A 108 20.58 12.23 -18.31
CA VAL A 108 19.52 11.63 -17.49
C VAL A 108 18.11 12.17 -17.76
N SER A 109 17.22 11.31 -18.26
CA SER A 109 15.81 11.69 -18.45
C SER A 109 14.81 10.81 -17.65
N ILE A 110 13.57 11.29 -17.51
CA ILE A 110 12.52 10.51 -16.89
C ILE A 110 11.63 9.93 -17.96
N GLN A 111 11.75 8.63 -18.23
CA GLN A 111 10.95 7.97 -19.29
C GLN A 111 9.45 7.95 -18.98
N GLN A 112 9.10 7.41 -17.82
CA GLN A 112 7.71 7.23 -17.45
C GLN A 112 7.53 6.98 -15.96
N LEU A 113 6.31 7.26 -15.50
CA LEU A 113 5.92 7.01 -14.12
C LEU A 113 4.76 6.05 -14.06
N ASN A 114 4.93 5.02 -13.26
CA ASN A 114 3.81 4.18 -12.85
C ASN A 114 3.63 4.43 -11.39
N LEU A 115 2.42 4.81 -11.01
CA LEU A 115 2.11 5.16 -9.61
C LEU A 115 1.02 4.28 -9.04
N TYR A 116 1.12 4.00 -7.74
CA TYR A 116 0.24 3.06 -7.04
C TYR A 116 -0.16 3.64 -5.71
N ASP A 117 -1.41 3.42 -5.33
CA ASP A 117 -1.91 3.86 -4.04
C ASP A 117 -1.12 3.26 -2.87
N ASP A 118 -0.84 4.11 -1.88
CA ASP A 118 -0.32 3.71 -0.61
C ASP A 118 -1.41 2.84 0.04
N GLY A 119 -2.65 3.24 -0.21
CA GLY A 119 -3.83 2.59 0.38
C GLY A 119 -4.98 3.54 0.64
N SER A 120 -5.61 3.38 1.81
CA SER A 120 -6.65 4.32 2.34
C SER A 120 -6.16 5.77 2.47
N MET A 121 -4.89 5.96 2.80
CA MET A 121 -4.38 7.31 3.03
C MET A 121 -4.72 8.31 1.91
N GLU A 122 -4.58 7.89 0.64
CA GLU A 122 -4.92 8.71 -0.51
C GLU A 122 -6.37 9.14 -0.51
N TYR A 123 -7.26 8.24 -0.12
CA TYR A 123 -8.70 8.49 -0.12
C TYR A 123 -9.13 9.31 1.11
N VAL A 124 -8.55 9.04 2.26
CA VAL A 124 -8.77 9.84 3.45
C VAL A 124 -8.46 11.32 3.14
N ASP A 125 -7.28 11.54 2.56
CA ASP A 125 -6.79 12.86 2.17
C ASP A 125 -7.63 13.51 1.10
N LEU A 126 -8.08 12.76 0.11
CA LEU A 126 -8.96 13.33 -0.92
C LEU A 126 -10.28 13.75 -0.29
N GLU A 127 -10.73 13.02 0.72
CA GLU A 127 -12.03 13.27 1.34
C GLU A 127 -12.01 14.67 1.98
N LYS A 128 -10.86 15.06 2.53
CA LYS A 128 -10.65 16.38 3.11
C LYS A 128 -10.69 17.51 2.08
N GLU A 129 -10.65 17.18 0.80
CA GLU A 129 -10.65 18.20 -0.27
C GLU A 129 -12.07 18.47 -0.79
N GLU A 130 -13.07 18.13 0.01
CA GLU A 130 -14.48 18.07 -0.44
C GLU A 130 -15.15 19.41 -0.78
N ASN A 131 -14.71 20.49 -0.13
CA ASN A 131 -15.41 21.76 -0.26
C ASN A 131 -14.60 22.78 -1.07
N LYS A 132 -13.57 22.28 -1.76
CA LYS A 132 -12.63 23.08 -2.56
C LYS A 132 -12.94 22.95 -4.06
N ASP A 133 -12.60 23.98 -4.83
CA ASP A 133 -12.69 23.88 -6.29
C ASP A 133 -11.54 23.03 -6.79
N ILE A 134 -11.85 21.78 -7.13
CA ILE A 134 -10.83 20.81 -7.56
C ILE A 134 -10.20 21.26 -8.88
N SER A 135 -11.04 21.76 -9.78
CA SER A 135 -10.60 22.26 -11.08
C SER A 135 -9.45 23.27 -10.90
N ALA A 136 -9.74 24.34 -10.15
CA ALA A 136 -8.74 25.36 -9.81
C ALA A 136 -7.50 24.78 -9.14
N GLU A 137 -7.70 23.80 -8.24
CA GLU A 137 -6.62 23.20 -7.45
C GLU A 137 -5.60 22.46 -8.31
N ILE A 138 -6.09 21.81 -9.35
CA ILE A 138 -5.26 21.08 -10.30
C ILE A 138 -4.33 22.04 -11.03
N LYS A 139 -4.92 23.07 -11.66
CA LYS A 139 -4.16 24.09 -12.38
C LYS A 139 -3.11 24.81 -11.50
N GLN A 140 -3.41 25.00 -10.22
CA GLN A 140 -2.41 25.55 -9.30
C GLN A 140 -1.31 24.51 -8.97
N ALA A 141 -1.70 23.25 -8.77
CA ALA A 141 -0.73 22.20 -8.44
C ALA A 141 0.18 21.93 -9.63
N GLU A 142 -0.39 22.12 -10.82
CA GLU A 142 0.30 21.95 -12.10
C GLU A 142 1.42 22.97 -12.20
N LYS A 143 1.10 24.20 -11.81
CA LYS A 143 2.04 25.31 -11.84
C LYS A 143 3.16 25.08 -10.82
N GLN A 144 2.80 24.57 -9.66
CA GLN A 144 3.72 24.41 -8.58
C GLN A 144 4.65 23.23 -8.78
N LEU A 145 4.12 22.17 -9.39
CA LEU A 145 4.92 21.06 -9.87
C LEU A 145 5.97 21.55 -10.88
N SER A 146 5.56 22.44 -11.79
CA SER A 146 6.47 23.01 -12.76
C SER A 146 7.69 23.68 -12.10
N HIS A 147 7.43 24.52 -11.07
CA HIS A 147 8.48 25.16 -10.27
C HIS A 147 9.36 24.13 -9.51
N TYR A 148 8.77 23.00 -9.12
CA TYR A 148 9.53 21.94 -8.43
C TYR A 148 10.54 21.29 -9.37
N LEU A 149 10.13 21.06 -10.62
CA LEU A 149 10.99 20.41 -11.63
C LEU A 149 12.10 21.28 -12.17
N LEU A 150 11.94 22.59 -12.01
CA LEU A 150 12.92 23.58 -12.50
C LEU A 150 13.87 24.14 -11.43
N THR A 151 13.50 24.01 -10.16
CA THR A 151 14.33 24.48 -9.04
C THR A 151 14.73 23.32 -8.11
N GLY A 152 13.94 22.25 -8.11
CA GLY A 152 14.13 21.14 -7.20
C GLY A 152 13.58 21.44 -5.81
N LYS A 153 12.86 22.56 -5.69
CA LYS A 153 12.24 23.01 -4.43
C LYS A 153 10.75 22.66 -4.33
N ILE A 154 10.39 22.00 -3.22
CA ILE A 154 9.03 21.57 -2.95
C ILE A 154 8.23 22.65 -2.20
N LYS A 155 7.22 23.17 -2.89
CA LYS A 155 6.27 24.11 -2.31
C LYS A 155 4.88 23.90 -2.94
N PHE A 156 3.98 23.30 -2.17
CA PHE A 156 2.65 22.97 -2.70
C PHE A 156 1.55 23.52 -1.83
N ASP A 157 0.63 24.26 -2.45
CA ASP A 157 -0.52 24.80 -1.75
C ASP A 157 -1.48 23.67 -1.41
N ASN A 158 -1.57 22.70 -2.30
CA ASN A 158 -2.36 21.52 -2.04
C ASN A 158 -1.53 20.25 -2.24
N PRO A 159 -0.80 19.82 -1.18
CA PRO A 159 0.05 18.60 -1.23
C PRO A 159 -0.71 17.34 -1.66
N THR A 160 -2.01 17.25 -1.35
CA THR A 160 -2.85 16.11 -1.79
C THR A 160 -3.10 16.09 -3.30
N ILE A 161 -3.60 17.21 -3.83
CA ILE A 161 -3.91 17.26 -5.25
C ILE A 161 -2.62 17.23 -6.12
N ALA A 162 -1.54 17.82 -5.60
CA ALA A 162 -0.22 17.70 -6.20
C ALA A 162 0.18 16.25 -6.58
N ARG A 163 -0.31 15.27 -5.83
CA ARG A 163 0.07 13.86 -6.06
C ARG A 163 -0.50 13.30 -7.37
N TYR A 164 -1.34 14.08 -8.05
CA TYR A 164 -2.08 13.58 -9.22
C TYR A 164 -1.90 14.42 -10.49
N VAL A 165 -0.92 15.33 -10.49
CA VAL A 165 -0.70 16.21 -11.66
C VAL A 165 0.57 15.89 -12.46
N TRP A 166 1.13 14.69 -12.27
CA TRP A 166 2.37 14.27 -12.92
C TRP A 166 2.31 14.25 -14.45
N GLN A 167 1.11 14.03 -15.00
CA GLN A 167 0.88 13.97 -16.46
C GLN A 167 1.12 15.32 -17.15
N SER A 168 1.15 16.39 -16.36
CA SER A 168 1.52 17.69 -16.93
C SER A 168 3.01 17.76 -17.24
N ALA A 169 3.75 16.71 -16.86
CA ALA A 169 5.19 16.66 -17.08
C ALA A 169 5.71 15.31 -17.61
N PHE A 170 5.06 14.20 -17.28
CA PHE A 170 5.56 12.87 -17.65
C PHE A 170 4.48 11.96 -18.23
N PRO A 171 4.87 11.01 -19.11
CA PRO A 171 3.98 9.88 -19.37
C PRO A 171 3.72 9.07 -18.07
N VAL A 172 2.46 9.00 -17.67
CA VAL A 172 2.09 8.45 -16.36
C VAL A 172 0.95 7.43 -16.43
N LYS A 173 1.00 6.46 -15.53
CA LYS A 173 -0.10 5.53 -15.29
C LYS A 173 -0.36 5.39 -13.80
N TYR A 174 -1.59 5.67 -13.36
CA TYR A 174 -2.04 5.45 -11.99
C TYR A 174 -2.75 4.11 -11.88
N HIS A 175 -2.48 3.43 -10.76
CA HIS A 175 -3.11 2.19 -10.39
C HIS A 175 -3.81 2.42 -9.06
N PHE A 176 -5.15 2.40 -9.07
CA PHE A 176 -5.97 2.85 -7.93
C PHE A 176 -6.58 1.70 -7.17
N LEU A 177 -6.50 1.77 -5.84
CA LEU A 177 -7.19 0.78 -5.02
C LEU A 177 -8.68 0.95 -5.26
N SER A 178 -9.10 2.19 -5.52
CA SER A 178 -10.52 2.48 -5.76
C SER A 178 -10.72 3.43 -6.94
N THR A 179 -11.12 2.85 -8.07
CA THR A 179 -11.60 3.64 -9.22
C THR A 179 -13.04 4.07 -8.99
N ASP A 180 -13.76 3.27 -8.20
CA ASP A 180 -15.13 3.62 -7.75
C ASP A 180 -15.15 4.89 -6.92
N TYR A 181 -14.09 5.18 -6.19
CA TYR A 181 -14.02 6.47 -5.46
C TYR A 181 -14.13 7.71 -6.36
N PHE A 182 -13.42 7.67 -7.49
CA PHE A 182 -13.30 8.79 -8.42
C PHE A 182 -14.62 8.97 -9.17
N GLU A 183 -15.39 7.90 -9.21
CA GLU A 183 -16.72 7.87 -9.82
C GLU A 183 -17.82 8.35 -8.87
N LYS A 184 -17.81 7.88 -7.61
CA LYS A 184 -18.91 8.20 -6.69
C LYS A 184 -18.80 9.59 -6.04
N ALA A 185 -17.60 9.96 -5.60
CA ALA A 185 -17.32 11.32 -5.07
C ALA A 185 -17.58 12.42 -6.09
N GLU A 186 -18.75 13.06 -6.02
CA GLU A 186 -19.15 14.08 -7.01
C GLU A 186 -18.18 15.26 -7.08
N PHE A 187 -17.79 15.79 -5.93
CA PHE A 187 -16.75 16.86 -5.87
C PHE A 187 -15.44 16.62 -6.66
N LEU A 188 -15.08 15.34 -6.87
CA LEU A 188 -13.85 14.96 -7.58
C LEU A 188 -13.99 14.75 -9.09
N GLN A 189 -15.18 14.98 -9.66
CA GLN A 189 -15.38 14.80 -11.10
C GLN A 189 -14.37 15.51 -12.01
N PRO A 190 -14.03 16.79 -11.71
CA PRO A 190 -12.95 17.40 -12.53
C PRO A 190 -11.64 16.63 -12.51
N LEU A 191 -11.23 16.13 -11.34
CA LEU A 191 -10.05 15.27 -11.23
C LEU A 191 -10.16 14.02 -12.10
N LYS A 192 -11.27 13.30 -11.95
CA LYS A 192 -11.55 12.10 -12.73
C LYS A 192 -11.42 12.35 -14.22
N GLU A 193 -12.02 13.45 -14.70
CA GLU A 193 -11.97 13.83 -16.10
C GLU A 193 -10.57 14.23 -16.52
N TYR A 194 -9.91 15.05 -15.71
CA TYR A 194 -8.53 15.48 -15.96
C TYR A 194 -7.61 14.26 -16.18
N LEU A 195 -7.66 13.29 -15.25
CA LEU A 195 -6.85 12.07 -15.30
C LEU A 195 -7.14 11.20 -16.54
N ALA A 196 -8.30 11.45 -17.16
CA ALA A 196 -8.70 10.80 -18.41
C ALA A 196 -8.37 9.30 -18.41
N GLU A 197 -7.65 8.82 -19.42
CA GLU A 197 -7.32 7.40 -19.48
C GLU A 197 -5.89 7.10 -19.03
N ASN A 198 -5.43 7.87 -18.04
CA ASN A 198 -4.10 7.66 -17.42
C ASN A 198 -4.14 6.87 -16.13
N TYR A 199 -5.31 6.30 -15.85
CA TYR A 199 -5.51 5.53 -14.64
C TYR A 199 -6.24 4.21 -14.89
N GLN A 200 -5.92 3.21 -14.08
CA GLN A 200 -6.72 2.00 -14.00
C GLN A 200 -6.79 1.60 -12.55
N LYS A 201 -7.63 0.59 -12.28
CA LYS A 201 -7.74 -0.05 -10.99
C LYS A 201 -6.59 -1.03 -10.84
N MET A 202 -6.09 -1.18 -9.61
CA MET A 202 -5.15 -2.26 -9.27
C MET A 202 -5.74 -3.60 -9.69
N ASP A 203 -4.99 -4.39 -10.42
CA ASP A 203 -5.50 -5.68 -10.96
C ASP A 203 -5.06 -6.88 -10.10
N TRP A 204 -6.01 -7.41 -9.33
CA TRP A 204 -5.76 -8.53 -8.45
C TRP A 204 -5.80 -9.90 -9.20
N THR A 205 -6.26 -9.88 -10.45
CA THR A 205 -6.33 -11.08 -11.31
C THR A 205 -5.00 -11.30 -12.02
N ALA A 206 -4.03 -10.40 -11.80
CA ALA A 206 -2.70 -10.51 -12.37
C ALA A 206 -2.02 -11.85 -12.06
N TYR A 207 -2.18 -12.32 -10.82
CA TYR A 207 -1.53 -13.55 -10.33
C TYR A 207 -2.03 -14.84 -10.99
N GLN A 208 -3.31 -14.89 -11.33
CA GLN A 208 -3.88 -16.12 -11.90
C GLN A 208 -3.54 -16.22 -13.40
N GLN A 209 -2.98 -15.14 -13.95
CA GLN A 209 -2.57 -15.09 -15.37
C GLN A 209 -1.06 -15.29 -15.56
N LEU A 210 -0.31 -15.30 -14.46
CA LEU A 210 1.08 -15.69 -14.47
C LEU A 210 1.18 -17.18 -14.70
N THR A 211 2.33 -17.63 -15.18
CA THR A 211 2.64 -19.06 -15.30
C THR A 211 2.91 -19.67 -13.93
N PRO A 212 2.68 -20.99 -13.75
CA PRO A 212 3.08 -21.62 -12.49
C PRO A 212 4.50 -21.26 -11.95
N GLU A 213 5.47 -21.05 -12.84
CA GLU A 213 6.84 -20.75 -12.43
C GLU A 213 6.91 -19.33 -11.89
N GLN A 214 6.16 -18.44 -12.55
CA GLN A 214 6.06 -17.07 -12.11
C GLN A 214 5.23 -16.97 -10.84
N GLN A 215 4.18 -17.78 -10.73
CA GLN A 215 3.41 -17.79 -9.48
C GLN A 215 4.28 -18.12 -8.26
N ALA A 216 5.01 -19.23 -8.32
CA ALA A 216 5.95 -19.58 -7.25
C ALA A 216 7.00 -18.48 -7.00
N PHE A 217 7.45 -17.83 -8.07
CA PHE A 217 8.43 -16.74 -8.00
C PHE A 217 7.87 -15.59 -7.18
N TYR A 218 6.63 -15.19 -7.49
CA TYR A 218 5.97 -14.09 -6.82
C TYR A 218 5.78 -14.39 -5.32
N LEU A 219 5.15 -15.53 -5.02
CA LEU A 219 4.99 -15.97 -3.63
C LEU A 219 6.30 -15.95 -2.81
N THR A 220 7.41 -16.21 -3.49
CA THR A 220 8.75 -16.10 -2.87
C THR A 220 9.16 -14.65 -2.62
N LEU A 221 8.71 -13.72 -3.47
CA LEU A 221 8.92 -12.26 -3.25
C LEU A 221 8.13 -11.72 -2.05
N VAL A 222 6.88 -12.14 -1.94
CA VAL A 222 5.96 -11.66 -0.91
C VAL A 222 6.04 -12.47 0.39
N GLY A 223 6.93 -13.48 0.40
CA GLY A 223 7.20 -14.30 1.59
C GLY A 223 6.14 -15.32 1.97
N PHE A 224 5.40 -15.81 0.98
CA PHE A 224 4.25 -16.66 1.24
C PHE A 224 4.62 -18.14 1.20
N ASN A 225 5.21 -18.62 2.28
CA ASN A 225 5.66 -20.01 2.37
C ASN A 225 4.53 -21.07 2.39
N ASP A 226 4.93 -22.35 2.30
CA ASP A 226 4.01 -23.52 2.27
C ASP A 226 3.31 -23.76 3.61
N GLU A 227 4.03 -23.41 4.67
CA GLU A 227 3.59 -23.47 6.06
C GLU A 227 2.29 -22.67 6.26
N VAL A 228 2.27 -21.46 5.70
CA VAL A 228 1.12 -20.56 5.74
C VAL A 228 0.01 -21.06 4.82
N LYS A 229 0.39 -21.55 3.65
CA LYS A 229 -0.57 -22.14 2.72
C LYS A 229 -1.40 -23.27 3.36
N GLN A 230 -0.71 -24.23 4.00
CA GLN A 230 -1.33 -25.36 4.70
C GLN A 230 -2.08 -25.00 5.98
N SER A 231 -1.64 -23.95 6.67
CA SER A 231 -2.31 -23.43 7.88
C SER A 231 -3.70 -22.87 7.58
N LEU A 232 -3.92 -22.43 6.34
CA LEU A 232 -5.21 -21.84 5.94
C LEU A 232 -6.13 -22.82 5.21
N GLU A 233 -5.59 -23.98 4.83
CA GLU A 233 -6.34 -25.01 4.06
C GLU A 233 -7.11 -25.98 4.96
N VAL A 234 -7.03 -25.74 6.27
CA VAL A 234 -7.78 -26.46 7.32
C VAL A 234 -9.25 -26.66 6.95
N GLN A 235 -9.78 -27.82 7.34
CA GLN A 235 -11.18 -28.19 7.09
C GLN A 235 -12.09 -27.68 8.21
N GLN A 236 -12.11 -26.36 8.38
CA GLN A 236 -12.89 -25.69 9.41
C GLN A 236 -13.12 -24.25 8.96
N ALA A 237 -14.21 -23.65 9.44
CA ALA A 237 -14.54 -22.26 9.17
C ALA A 237 -13.47 -21.35 9.79
N LYS A 238 -13.12 -20.28 9.08
CA LYS A 238 -12.00 -19.44 9.49
C LYS A 238 -12.41 -18.00 9.69
N PHE A 239 -11.87 -17.41 10.76
CA PHE A 239 -11.91 -15.96 10.97
C PHE A 239 -10.51 -15.41 11.07
N ILE A 240 -10.19 -14.41 10.24
CA ILE A 240 -8.91 -13.73 10.36
C ILE A 240 -9.05 -12.37 11.05
N PHE A 241 -8.37 -12.20 12.19
CA PHE A 241 -8.33 -10.89 12.87
C PHE A 241 -7.17 -10.09 12.33
N THR A 242 -7.48 -8.92 11.78
CA THR A 242 -6.48 -8.05 11.21
C THR A 242 -6.09 -6.91 12.21
N GLY A 243 -4.79 -6.75 12.41
CA GLY A 243 -4.32 -5.64 13.20
C GLY A 243 -3.92 -4.40 12.45
N THR A 244 -3.60 -3.37 13.22
CA THR A 244 -3.16 -2.09 12.72
C THR A 244 -1.84 -1.68 13.38
N THR A 245 -1.40 -0.44 13.11
CA THR A 245 -0.25 0.12 13.75
C THR A 245 -0.46 1.63 13.89
N THR A 246 0.38 2.27 14.67
CA THR A 246 0.39 3.73 14.75
C THR A 246 1.67 4.26 14.13
N TRP A 247 1.57 5.38 13.38
CA TRP A 247 2.76 6.08 12.82
C TRP A 247 3.32 7.12 13.79
N GLU A 248 3.33 6.77 15.08
CA GLU A 248 3.80 7.64 16.15
C GLU A 248 4.71 6.78 17.01
N GLY A 249 5.98 7.14 17.10
CA GLY A 249 6.96 6.34 17.88
C GLY A 249 6.71 6.43 19.38
N ASN A 250 5.72 7.24 19.74
CA ASN A 250 5.33 7.54 21.12
C ASN A 250 4.91 6.28 21.89
N THR A 251 5.76 5.89 22.86
CA THR A 251 5.59 4.66 23.65
C THR A 251 4.18 4.49 24.24
N ASP A 252 3.68 5.53 24.92
CA ASP A 252 2.34 5.51 25.53
C ASP A 252 1.24 5.20 24.51
N VAL A 253 1.35 5.79 23.33
CA VAL A 253 0.40 5.52 22.24
C VAL A 253 0.56 4.10 21.67
N ARG A 254 1.80 3.66 21.46
CA ARG A 254 2.11 2.28 21.02
C ARG A 254 1.45 1.24 21.92
N GLU A 255 1.55 1.44 23.23
CA GLU A 255 1.03 0.48 24.20
C GLU A 255 -0.50 0.57 24.30
N TYR A 256 -1.02 1.78 24.16
CA TYR A 256 -2.46 1.96 24.11
C TYR A 256 -3.07 1.19 22.94
N TYR A 257 -2.53 1.39 21.73
CA TYR A 257 -2.98 0.64 20.54
C TYR A 257 -2.93 -0.86 20.79
N ALA A 258 -1.80 -1.35 21.27
CA ALA A 258 -1.62 -2.71 21.73
C ALA A 258 -2.77 -3.19 22.65
N GLN A 259 -2.99 -2.47 23.75
CA GLN A 259 -4.08 -2.78 24.68
C GLN A 259 -5.49 -2.77 24.06
N GLN A 260 -5.76 -1.80 23.19
CA GLN A 260 -7.10 -1.63 22.63
C GLN A 260 -7.38 -2.69 21.60
N GLN A 261 -6.34 -3.10 20.88
CA GLN A 261 -6.44 -4.09 19.80
C GLN A 261 -6.63 -5.50 20.36
N LEU A 262 -5.93 -5.81 21.45
CA LEU A 262 -6.19 -7.05 22.17
C LEU A 262 -7.64 -7.10 22.63
N ASN A 263 -8.13 -5.98 23.16
CA ASN A 263 -9.48 -5.89 23.67
C ASN A 263 -10.51 -6.10 22.55
N LEU A 264 -10.12 -5.67 21.33
CA LEU A 264 -10.95 -5.73 20.11
C LEU A 264 -11.10 -7.17 19.68
N LEU A 265 -9.98 -7.88 19.58
CA LEU A 265 -9.96 -9.33 19.37
C LEU A 265 -10.91 -10.04 20.32
N ASN A 266 -10.82 -9.69 21.61
CA ASN A 266 -11.67 -10.30 22.61
C ASN A 266 -13.16 -10.03 22.43
N HIS A 267 -13.50 -8.92 21.76
CA HIS A 267 -14.89 -8.66 21.40
C HIS A 267 -15.36 -9.55 20.28
N PHE A 268 -14.43 -9.91 19.38
CA PHE A 268 -14.67 -10.82 18.27
C PHE A 268 -14.81 -12.28 18.68
N THR A 269 -13.91 -12.74 19.55
CA THR A 269 -13.74 -14.17 19.84
C THR A 269 -14.43 -14.67 21.09
N GLN A 270 -14.79 -13.76 22.01
CA GLN A 270 -15.40 -14.17 23.29
C GLN A 270 -16.91 -14.08 23.20
N ALA A 271 -17.59 -15.02 23.85
CA ALA A 271 -19.05 -15.07 23.98
C ALA A 271 -19.68 -13.75 24.40
N GLU A 272 -19.05 -13.08 25.38
CA GLU A 272 -19.54 -11.82 25.94
C GLU A 272 -19.24 -10.63 25.06
N GLY A 273 -18.47 -10.87 24.00
CA GLY A 273 -18.07 -9.82 23.08
C GLY A 273 -19.21 -9.19 22.29
N ASP A 274 -19.01 -7.94 21.93
CA ASP A 274 -19.98 -7.18 21.13
C ASP A 274 -20.01 -7.68 19.69
N LEU A 275 -18.89 -8.27 19.26
CA LEU A 275 -18.76 -8.72 17.88
C LEU A 275 -18.59 -10.24 17.75
N PHE A 276 -18.98 -10.97 18.79
CA PHE A 276 -18.92 -12.42 18.85
C PHE A 276 -19.39 -13.11 17.56
N ILE A 277 -18.54 -14.01 17.05
CA ILE A 277 -18.71 -14.57 15.71
C ILE A 277 -19.32 -15.96 15.73
N GLY A 278 -19.07 -16.68 16.83
CA GLY A 278 -19.44 -18.07 16.99
C GLY A 278 -18.31 -18.81 17.70
N ASP A 279 -18.53 -20.09 17.97
CA ASP A 279 -17.52 -20.96 18.60
C ASP A 279 -16.84 -21.85 17.56
N HIS A 280 -17.38 -21.81 16.34
CA HIS A 280 -17.08 -22.79 15.30
C HIS A 280 -16.03 -22.24 14.34
N TYR A 281 -15.40 -21.14 14.72
CA TYR A 281 -14.35 -20.56 13.90
C TYR A 281 -12.97 -20.87 14.45
N LYS A 282 -12.05 -21.05 13.50
CA LYS A 282 -10.62 -21.12 13.75
C LYS A 282 -10.16 -19.66 13.69
N ILE A 283 -9.34 -19.23 14.65
CA ILE A 283 -8.95 -17.81 14.70
C ILE A 283 -7.49 -17.59 14.26
N TYR A 284 -7.32 -16.67 13.33
CA TYR A 284 -6.01 -16.28 12.89
C TYR A 284 -5.72 -14.84 13.24
N PHE A 285 -4.46 -14.57 13.54
CA PHE A 285 -3.98 -13.18 13.65
C PHE A 285 -3.16 -12.77 12.44
N LYS A 286 -3.68 -11.83 11.66
CA LYS A 286 -2.91 -11.17 10.62
C LYS A 286 -2.51 -9.75 11.06
N GLY A 287 -1.34 -9.62 11.68
CA GLY A 287 -0.86 -8.33 12.13
C GLY A 287 -0.47 -7.36 11.03
N HIS A 288 -0.44 -6.07 11.36
CA HIS A 288 0.08 -5.06 10.45
C HIS A 288 1.57 -5.35 10.25
N PRO A 289 2.07 -5.20 9.01
CA PRO A 289 3.49 -5.44 8.77
C PRO A 289 4.47 -4.60 9.61
N ARG A 290 4.01 -3.45 10.08
CA ARG A 290 4.82 -2.58 10.92
C ARG A 290 4.27 -2.54 12.35
N GLY A 291 3.32 -3.41 12.65
CA GLY A 291 2.81 -3.48 14.03
C GLY A 291 3.87 -3.50 15.14
N GLY A 292 4.92 -4.29 14.95
CA GLY A 292 6.04 -4.42 15.90
C GLY A 292 5.56 -4.98 17.22
N GLU A 293 5.82 -4.24 18.30
CA GLU A 293 5.42 -4.62 19.66
C GLU A 293 3.90 -4.72 19.89
N ILE A 294 3.11 -4.11 19.01
CA ILE A 294 1.66 -4.24 18.94
C ILE A 294 1.24 -5.65 18.55
N ASN A 295 1.96 -6.19 17.55
CA ASN A 295 1.83 -7.59 17.15
C ASN A 295 2.29 -8.54 18.26
N ASP A 296 3.41 -8.20 18.92
CA ASP A 296 3.96 -9.01 20.01
C ASP A 296 2.92 -9.11 21.12
N TYR A 297 2.26 -7.99 21.42
CA TYR A 297 1.30 -7.94 22.53
C TYR A 297 0.14 -8.94 22.29
N ILE A 298 -0.39 -8.98 21.07
CA ILE A 298 -1.44 -9.94 20.70
C ILE A 298 -1.00 -11.37 20.94
N LEU A 299 0.12 -11.76 20.33
CA LEU A 299 0.64 -13.11 20.44
C LEU A 299 0.85 -13.54 21.89
N ASN A 300 1.55 -12.71 22.65
CA ASN A 300 1.79 -12.96 24.07
C ASN A 300 0.55 -13.08 24.96
N ASN A 301 -0.53 -12.42 24.55
CA ASN A 301 -1.69 -12.22 25.43
C ASN A 301 -2.99 -12.87 24.97
N ALA A 302 -3.00 -13.40 23.75
CA ALA A 302 -4.19 -14.05 23.20
C ALA A 302 -4.12 -15.56 23.38
N LYS A 303 -5.20 -16.26 23.04
CA LYS A 303 -5.20 -17.72 23.06
C LYS A 303 -5.89 -18.30 21.84
N ASN A 304 -5.65 -19.57 21.57
CA ASN A 304 -6.20 -20.24 20.39
C ASN A 304 -6.14 -19.34 19.14
N ILE A 305 -4.94 -18.83 18.89
CA ILE A 305 -4.68 -17.91 17.80
C ILE A 305 -3.50 -18.45 16.97
N THR A 306 -3.76 -18.57 15.68
CA THR A 306 -2.74 -19.01 14.73
C THR A 306 -2.25 -17.77 13.99
N ASN A 307 -0.96 -17.54 14.06
CA ASN A 307 -0.36 -16.34 13.50
C ASN A 307 -0.03 -16.53 12.02
N ILE A 308 -0.43 -15.54 11.23
CA ILE A 308 -0.01 -15.41 9.84
C ILE A 308 1.08 -14.30 9.84
N PRO A 309 2.34 -14.63 9.52
CA PRO A 309 3.36 -13.60 9.79
C PRO A 309 2.98 -12.24 9.19
N ALA A 310 3.12 -11.21 10.02
CA ALA A 310 2.77 -9.82 9.70
C ALA A 310 3.27 -9.32 8.33
N ASN A 311 4.44 -9.80 7.91
CA ASN A 311 5.03 -9.38 6.66
C ASN A 311 4.29 -9.78 5.39
N ILE A 312 3.46 -10.83 5.46
CA ILE A 312 2.69 -11.26 4.29
C ILE A 312 1.48 -10.33 4.16
N SER A 313 1.34 -9.69 3.02
CA SER A 313 0.21 -8.81 2.79
C SER A 313 -1.06 -9.63 2.65
N PHE A 314 -2.15 -9.12 3.21
CA PHE A 314 -3.43 -9.80 3.19
C PHE A 314 -3.92 -10.16 1.79
N GLU A 315 -3.66 -9.29 0.83
CA GLU A 315 -4.13 -9.45 -0.55
C GLU A 315 -3.55 -10.68 -1.27
N VAL A 316 -2.40 -11.15 -0.79
CA VAL A 316 -1.78 -12.39 -1.24
C VAL A 316 -2.70 -13.60 -0.99
N LEU A 317 -3.47 -13.57 0.10
CA LEU A 317 -4.46 -14.60 0.37
C LEU A 317 -5.57 -14.58 -0.67
N MET A 318 -5.89 -13.40 -1.21
CA MET A 318 -6.84 -13.31 -2.30
C MET A 318 -6.22 -13.66 -3.68
N MET A 319 -4.91 -13.40 -3.87
CA MET A 319 -4.16 -13.95 -5.03
C MET A 319 -4.37 -15.46 -5.13
N THR A 320 -4.19 -16.12 -3.99
CA THR A 320 -4.07 -17.56 -3.91
C THR A 320 -5.39 -18.27 -3.54
N GLY A 321 -6.50 -17.50 -3.54
CA GLY A 321 -7.82 -18.04 -3.28
C GLY A 321 -7.98 -18.65 -1.88
N LEU A 322 -7.21 -18.11 -0.92
CA LEU A 322 -7.17 -18.63 0.45
C LEU A 322 -7.84 -17.67 1.43
N LEU A 323 -8.83 -16.93 0.93
CA LEU A 323 -9.62 -16.09 1.83
C LEU A 323 -10.36 -16.96 2.84
N PRO A 324 -10.45 -16.47 4.10
CA PRO A 324 -11.17 -17.21 5.11
C PRO A 324 -12.66 -16.94 4.93
N ASP A 325 -13.49 -17.50 5.80
CA ASP A 325 -14.93 -17.23 5.78
C ASP A 325 -15.23 -15.77 6.16
N LYS A 326 -14.58 -15.30 7.24
CA LYS A 326 -14.84 -13.97 7.81
C LYS A 326 -13.55 -13.21 8.17
N VAL A 327 -13.60 -11.88 8.01
CA VAL A 327 -12.49 -11.00 8.38
C VAL A 327 -13.00 -9.79 9.18
N GLY A 328 -12.35 -9.50 10.30
CA GLY A 328 -12.71 -8.35 11.07
C GLY A 328 -11.48 -7.73 11.68
N GLY A 329 -11.60 -6.49 12.14
CA GLY A 329 -10.48 -5.80 12.79
C GLY A 329 -10.49 -4.31 12.54
N VAL A 330 -9.34 -3.68 12.73
CA VAL A 330 -9.24 -2.24 12.59
C VAL A 330 -9.22 -1.85 11.10
N ALA A 331 -9.99 -0.81 10.76
CA ALA A 331 -10.01 -0.25 9.41
C ALA A 331 -8.65 -0.25 8.70
N SER A 332 -8.61 -0.96 7.57
CA SER A 332 -7.36 -1.14 6.83
C SER A 332 -7.52 -1.11 5.31
N SER A 333 -6.46 -0.67 4.60
CA SER A 333 -6.43 -0.68 3.12
C SER A 333 -6.83 -2.04 2.50
N LEU A 334 -6.60 -3.10 3.26
CA LEU A 334 -6.96 -4.48 2.91
C LEU A 334 -8.48 -4.65 2.77
N TYR A 335 -9.27 -3.82 3.46
CA TYR A 335 -10.75 -3.85 3.38
C TYR A 335 -11.31 -3.28 2.08
N PHE A 336 -10.48 -2.55 1.34
CA PHE A 336 -10.91 -1.89 0.11
C PHE A 336 -11.07 -2.89 -1.03
N SER A 337 -10.30 -3.99 -0.95
CA SER A 337 -10.30 -4.99 -2.02
C SER A 337 -10.85 -6.36 -1.62
N LEU A 338 -11.36 -6.45 -0.40
CA LEU A 338 -11.98 -7.66 0.10
C LEU A 338 -13.45 -7.78 -0.29
N PRO A 339 -13.87 -8.92 -0.90
CA PRO A 339 -15.29 -9.16 -1.16
C PRO A 339 -16.20 -8.98 0.07
N LYS A 340 -17.23 -8.15 -0.12
CA LYS A 340 -18.13 -7.69 0.93
C LYS A 340 -18.73 -8.77 1.85
N GLU A 341 -18.89 -9.97 1.30
CA GLU A 341 -19.44 -11.14 2.01
C GLU A 341 -18.53 -11.67 3.11
N LYS A 342 -17.28 -11.23 3.12
CA LYS A 342 -16.32 -11.76 4.08
C LYS A 342 -16.06 -10.77 5.22
N ILE A 343 -16.66 -9.60 5.12
CA ILE A 343 -16.48 -8.59 6.17
C ILE A 343 -17.38 -8.91 7.35
N SER A 344 -16.73 -9.32 8.44
CA SER A 344 -17.39 -9.45 9.72
C SER A 344 -17.68 -8.05 10.28
N HIS A 345 -16.62 -7.29 10.61
CA HIS A 345 -16.79 -5.93 11.13
C HIS A 345 -15.51 -5.10 11.01
N ILE A 346 -15.69 -3.84 10.64
CA ILE A 346 -14.59 -2.89 10.58
C ILE A 346 -14.69 -1.88 11.74
N ILE A 347 -13.58 -1.70 12.44
CA ILE A 347 -13.55 -0.82 13.62
C ILE A 347 -12.52 0.26 13.35
N PHE A 348 -12.82 1.47 13.82
CA PHE A 348 -12.04 2.67 13.54
C PHE A 348 -11.40 3.12 14.84
N THR A 349 -10.14 3.54 14.77
CA THR A 349 -9.40 3.95 15.97
C THR A 349 -9.94 5.25 16.54
N ALA A 360 -16.87 10.40 13.98
CA ALA A 360 -18.21 10.17 14.50
C ALA A 360 -19.21 10.18 13.35
N LEU A 361 -19.41 11.35 12.76
CA LEU A 361 -20.05 11.48 11.45
C LEU A 361 -19.01 12.03 10.48
N ASN A 362 -18.19 12.97 10.99
CA ASN A 362 -17.12 13.61 10.23
C ASN A 362 -15.74 13.03 10.52
N ASN A 363 -15.58 11.75 10.19
CA ASN A 363 -14.28 11.08 10.19
C ASN A 363 -13.98 10.78 8.73
N PRO A 364 -12.90 11.37 8.17
CA PRO A 364 -12.65 11.17 6.73
C PRO A 364 -12.62 9.70 6.26
N TYR A 365 -12.01 8.83 7.07
CA TYR A 365 -11.92 7.39 6.84
C TYR A 365 -13.28 6.66 6.82
N VAL A 366 -14.15 6.98 7.79
CA VAL A 366 -15.52 6.47 7.86
C VAL A 366 -16.27 6.90 6.59
N LYS A 367 -16.19 8.19 6.26
CA LYS A 367 -16.71 8.72 4.99
C LYS A 367 -16.26 8.04 3.67
N VAL A 368 -14.96 7.71 3.52
CA VAL A 368 -14.47 6.97 2.33
C VAL A 368 -15.17 5.62 2.22
N MET A 369 -15.16 4.88 3.33
CA MET A 369 -15.76 3.55 3.45
C MET A 369 -17.28 3.55 3.34
N ARG A 370 -17.94 4.61 3.80
CA ARG A 370 -19.39 4.78 3.59
C ARG A 370 -19.71 5.04 2.12
N ARG A 371 -18.92 5.91 1.49
CA ARG A 371 -19.00 6.23 0.06
C ARG A 371 -18.86 5.03 -0.87
N LEU A 372 -18.00 4.10 -0.45
CA LEU A 372 -17.65 2.93 -1.26
C LEU A 372 -18.58 1.73 -1.10
N GLY A 373 -19.45 1.77 -0.07
CA GLY A 373 -20.35 0.64 0.27
C GLY A 373 -19.71 -0.41 1.17
N ILE A 374 -18.52 -0.11 1.68
CA ILE A 374 -17.72 -1.03 2.46
C ILE A 374 -18.31 -1.17 3.87
N ILE A 375 -18.89 -0.08 4.38
CA ILE A 375 -19.68 -0.10 5.60
C ILE A 375 -21.01 0.56 5.27
N ASP A 376 -22.10 0.07 5.88
CA ASP A 376 -23.45 0.53 5.52
C ASP A 376 -23.83 1.78 6.31
N GLU A 377 -25.13 2.09 6.36
CA GLU A 377 -25.65 3.20 7.17
C GLU A 377 -25.44 2.94 8.66
N SER A 378 -24.90 1.76 8.94
CA SER A 378 -24.52 1.31 10.29
C SER A 378 -23.90 2.39 11.15
N GLN A 379 -24.39 2.46 12.38
CA GLN A 379 -23.74 3.09 13.52
C GLN A 379 -22.30 2.52 13.65
N VAL A 380 -21.31 3.33 13.28
CA VAL A 380 -19.92 2.89 13.17
C VAL A 380 -19.35 2.50 14.54
N ILE A 381 -18.36 1.61 14.56
CA ILE A 381 -17.72 1.22 15.83
C ILE A 381 -16.31 1.78 15.96
N PHE A 382 -16.15 2.70 16.90
CA PHE A 382 -14.81 3.13 17.33
C PHE A 382 -14.27 2.18 18.42
N TRP A 383 -12.96 1.95 18.46
CA TRP A 383 -12.44 0.95 19.44
C TRP A 383 -12.37 1.42 20.89
N ASP A 384 -12.54 2.71 21.11
CA ASP A 384 -12.59 3.25 22.47
C ASP A 384 -14.01 3.16 23.05
N SER A 385 -14.95 2.74 22.19
CA SER A 385 -16.36 2.61 22.55
C SER A 385 -16.69 1.23 23.07
N LEU A 386 -15.66 0.38 23.15
CA LEU A 386 -15.83 -1.00 23.61
C LEU A 386 -15.39 -1.22 25.05
N LYS A 387 -16.24 -1.93 25.80
CA LYS A 387 -15.95 -2.30 27.18
C LYS A 387 -14.68 -3.17 27.30
N GLN A 388 -13.88 -2.92 28.36
CA GLN A 388 -12.75 -3.79 28.71
C GLN A 388 -13.26 -5.12 29.19
N LEU A 389 -12.96 -6.16 28.42
CA LEU A 389 -13.26 -7.52 28.82
C LEU A 389 -12.16 -8.10 29.75
C1 GLC B . 3.86 11.44 8.78
C2 GLC B . 4.94 10.55 8.16
C3 GLC B . 4.36 9.66 7.05
C4 GLC B . 3.13 8.89 7.56
C5 GLC B . 2.13 9.88 8.17
C6 GLC B . 0.86 9.21 8.71
O1 GLC B . 3.38 12.38 7.80
O2 GLC B . 5.99 11.34 7.61
O3 GLC B . 5.39 8.76 6.61
O4 GLC B . 2.55 8.15 6.51
O5 GLC B . 2.76 10.63 9.22
O6 GLC B . -0.05 10.22 9.12
C1 GAL B . 2.79 6.74 6.55
C2 GAL B . 1.61 6.07 5.85
C3 GAL B . 1.88 4.58 5.58
C4 GAL B . 3.26 4.39 4.93
C5 GAL B . 4.35 5.08 5.75
C6 GAL B . 5.75 4.86 5.18
O2 GAL B . 0.44 6.27 6.67
O3 GAL B . 0.83 4.01 4.75
O4 GAL B . 3.28 4.95 3.60
O5 GAL B . 4.01 6.48 5.86
O6 GAL B . 6.66 5.83 5.73
O3P C5P C . -3.62 -0.98 7.39
P C5P C . -2.96 -0.22 6.16
O1P C5P C . -1.61 0.45 6.60
O2P C5P C . -4.01 0.74 5.46
O5' C5P C . -2.61 -1.35 5.12
C5' C5P C . -1.73 -1.11 4.05
C4' C5P C . -1.43 -2.49 3.52
O4' C5P C . -0.66 -3.35 4.40
C3' C5P C . -2.63 -3.30 3.06
O3' C5P C . -3.06 -3.15 1.74
C2' C5P C . -2.31 -4.71 3.45
O2' C5P C . -1.54 -5.15 2.33
C1' C5P C . -1.17 -4.70 4.40
N1 C5P C . -1.71 -5.15 5.71
C2 C5P C . -1.83 -6.53 6.02
N3 C5P C . -2.33 -6.93 7.21
C4 C5P C . -2.70 -6.01 8.13
C5 C5P C . -2.61 -4.65 7.86
C6 C5P C . -2.11 -4.24 6.62
O2 C5P C . -1.46 -7.38 5.19
N4 C5P C . -3.18 -6.39 9.32
#